data_5TVK
#
_entry.id   5TVK
#
_cell.length_a   57.320
_cell.length_b   57.320
_cell.length_c   343.570
_cell.angle_alpha   90.000
_cell.angle_beta   90.000
_cell.angle_gamma   120.000
#
_symmetry.space_group_name_H-M   'P 65'
#
loop_
_entity.id
_entity.type
_entity.pdbx_description
1 polymer 'PF-32 protein'
2 non-polymer 'PHOSPHOAMINOPHOSPHONIC ACID-ADENYLATE ESTER'
3 non-polymer 'LITHIUM ION'
4 water water
#
_entity_poly.entity_id   1
_entity_poly.type   'polypeptide(L)'
_entity_poly.pdbx_seq_one_letter_code
;MAHHHHHHMGTLEAQTQGPGSMDNKKPKIITIASIKGGVGKSTSAIILATLLSKNNKVLLIDMDTQASITSYFYEKIEKL
GINFTKFNIYEILKENVDIDSTIINVDNNLDLIPSYLTLHNFSEDKIEHKDFLLKTSLGTLYYKYDYIVIDTNPSLDVTL
KNALLCSDYVIIPMTAEKWAVESLDLFNFFVRKLNLFLPIFLIITRFKKNRTHKTLFEILKTKDRFLGTISEREDLNRRI
AENNNFDLNKDYIKEYENILEIFLKKI
;
_entity_poly.pdbx_strand_id   A,B
#
# COMPACT_ATOMS: atom_id res chain seq x y z
N LYS A 25 11.93 4.04 -32.74
CA LYS A 25 10.83 3.97 -33.68
C LYS A 25 9.41 3.97 -33.03
N LYS A 26 9.24 3.37 -31.84
CA LYS A 26 8.01 3.55 -31.08
C LYS A 26 8.31 3.44 -29.59
N PRO A 27 7.52 4.10 -28.74
CA PRO A 27 7.71 3.92 -27.29
C PRO A 27 7.37 2.51 -26.85
N LYS A 28 8.24 1.94 -26.03
CA LYS A 28 8.01 0.68 -25.37
C LYS A 28 7.61 1.00 -23.94
N ILE A 29 6.43 0.55 -23.53
CA ILE A 29 5.81 0.98 -22.29
C ILE A 29 5.80 -0.21 -21.33
N ILE A 30 6.48 -0.05 -20.19
CA ILE A 30 6.66 -1.10 -19.20
C ILE A 30 5.94 -0.65 -17.94
N THR A 31 4.96 -1.45 -17.50
CA THR A 31 4.38 -1.27 -16.19
C THR A 31 5.15 -2.10 -15.18
N ILE A 32 5.51 -1.49 -14.05
CA ILE A 32 6.01 -2.20 -12.89
C ILE A 32 4.83 -2.40 -11.96
N ALA A 33 4.52 -3.65 -11.60
CA ALA A 33 3.33 -3.95 -10.83
C ALA A 33 3.65 -4.98 -9.75
N SER A 34 2.88 -4.93 -8.68
CA SER A 34 2.90 -5.93 -7.62
CA SER A 34 2.93 -5.89 -7.59
C SER A 34 1.71 -5.68 -6.71
N ILE A 35 1.06 -6.77 -6.29
CA ILE A 35 -0.08 -6.59 -5.38
C ILE A 35 0.37 -6.54 -3.93
N LYS A 36 1.64 -6.77 -3.64
CA LYS A 36 2.16 -6.61 -2.28
C LYS A 36 3.08 -5.40 -2.25
N GLY A 37 2.86 -4.53 -1.26
CA GLY A 37 3.76 -3.41 -1.04
C GLY A 37 5.03 -3.86 -0.35
N GLY A 38 6.06 -3.03 -0.48
CA GLY A 38 7.35 -3.38 0.12
C GLY A 38 8.14 -4.46 -0.57
N VAL A 39 7.88 -4.72 -1.86
CA VAL A 39 8.62 -5.73 -2.62
C VAL A 39 9.64 -5.12 -3.58
N GLY A 40 9.95 -3.84 -3.42
CA GLY A 40 10.88 -3.19 -4.32
C GLY A 40 10.31 -2.78 -5.65
N LYS A 41 8.99 -2.59 -5.73
CA LYS A 41 8.39 -2.18 -7.00
C LYS A 41 8.87 -0.80 -7.42
N SER A 42 8.76 0.19 -6.51
CA SER A 42 9.19 1.54 -6.83
C SER A 42 10.72 1.61 -6.99
N THR A 43 11.44 0.93 -6.11
CA THR A 43 12.90 0.86 -6.25
C THR A 43 13.31 0.32 -7.62
N SER A 44 12.64 -0.73 -8.09
CA SER A 44 12.97 -1.31 -9.38
C SER A 44 12.61 -0.36 -10.53
N ALA A 45 11.51 0.38 -10.38
CA ALA A 45 11.14 1.35 -11.41
C ALA A 45 12.21 2.42 -11.57
N ILE A 46 12.70 2.98 -10.46
CA ILE A 46 13.74 4.01 -10.55
C ILE A 46 15.02 3.43 -11.17
N ILE A 47 15.47 2.28 -10.69
CA ILE A 47 16.78 1.77 -11.11
C ILE A 47 16.75 1.24 -12.55
N LEU A 48 15.67 0.59 -12.96
CA LEU A 48 15.60 0.11 -14.34
C LEU A 48 15.48 1.29 -15.30
N ALA A 49 14.67 2.28 -14.95
CA ALA A 49 14.56 3.47 -15.77
C ALA A 49 15.90 4.17 -15.89
N THR A 50 16.61 4.33 -14.76
CA THR A 50 17.91 5.00 -14.77
C THR A 50 18.90 4.22 -15.61
N LEU A 51 18.96 2.91 -15.43
CA LEU A 51 19.85 2.10 -16.26
C LEU A 51 19.50 2.23 -17.73
N LEU A 52 18.20 2.23 -18.07
CA LEU A 52 17.82 2.40 -19.46
C LEU A 52 18.22 3.76 -19.99
N SER A 53 18.19 4.79 -19.14
CA SER A 53 18.50 6.14 -19.58
C SER A 53 19.98 6.33 -19.89
N LYS A 54 20.81 5.34 -19.56
CA LYS A 54 22.21 5.42 -19.94
C LYS A 54 22.37 5.54 -21.47
N ASN A 55 21.51 4.85 -22.25
CA ASN A 55 21.61 4.88 -23.71
C ASN A 55 20.27 5.11 -24.40
N ASN A 56 19.28 5.62 -23.69
CA ASN A 56 17.92 5.83 -24.20
C ASN A 56 17.33 7.08 -23.57
N LYS A 57 16.35 7.65 -24.24
CA LYS A 57 15.49 8.63 -23.60
C LYS A 57 14.31 7.90 -22.96
N VAL A 58 14.15 8.10 -21.66
CA VAL A 58 13.22 7.37 -20.83
C VAL A 58 12.29 8.36 -20.12
N LEU A 59 11.00 7.98 -20.03
CA LEU A 59 9.99 8.67 -19.25
C LEU A 59 9.51 7.78 -18.10
N LEU A 60 9.59 8.32 -16.87
CA LEU A 60 8.95 7.73 -15.71
C LEU A 60 7.61 8.38 -15.45
N ILE A 61 6.59 7.55 -15.22
CA ILE A 61 5.27 8.02 -14.79
C ILE A 61 5.01 7.44 -13.40
N ASP A 62 4.89 8.30 -12.42
CA ASP A 62 4.63 7.89 -11.03
C ASP A 62 3.13 7.89 -10.82
N MET A 63 2.50 6.71 -10.97
CA MET A 63 1.08 6.55 -10.76
C MET A 63 0.75 5.91 -9.41
N ASP A 64 1.67 6.00 -8.46
CA ASP A 64 1.50 5.42 -7.13
C ASP A 64 1.09 6.55 -6.16
N THR A 65 -0.03 6.36 -5.47
CA THR A 65 -0.45 7.40 -4.54
C THR A 65 0.61 7.69 -3.48
N GLN A 66 1.43 6.69 -3.13
CA GLN A 66 2.55 6.90 -2.20
C GLN A 66 3.56 7.92 -2.74
N ALA A 67 3.62 8.11 -4.06
CA ALA A 67 4.51 9.08 -4.71
C ALA A 67 5.97 8.88 -4.31
N SER A 68 6.38 7.61 -4.12
CA SER A 68 7.75 7.30 -3.72
C SER A 68 8.76 7.83 -4.73
N ILE A 69 8.54 7.57 -6.02
CA ILE A 69 9.46 8.06 -7.04
C ILE A 69 9.53 9.58 -7.00
N THR A 70 8.37 10.24 -6.96
CA THR A 70 8.34 11.69 -6.92
C THR A 70 9.18 12.24 -5.77
N SER A 71 9.06 11.66 -4.59
CA SER A 71 9.82 12.28 -3.52
C SER A 71 11.28 11.85 -3.52
N TYR A 72 11.65 10.80 -4.25
CA TYR A 72 13.05 10.53 -4.45
C TYR A 72 13.72 11.61 -5.29
N PHE A 73 12.97 12.20 -6.23
CA PHE A 73 13.46 13.29 -7.06
C PHE A 73 13.05 14.66 -6.54
N TYR A 74 12.57 14.75 -5.30
CA TYR A 74 11.96 15.99 -4.84
C TYR A 74 12.97 17.14 -4.77
N GLU A 75 14.20 16.86 -4.34
CA GLU A 75 15.19 17.94 -4.29
C GLU A 75 15.43 18.52 -5.68
N LYS A 76 15.47 17.67 -6.70
CA LYS A 76 15.61 18.16 -8.06
C LYS A 76 14.38 18.94 -8.48
N ILE A 77 13.19 18.42 -8.18
CA ILE A 77 11.97 19.14 -8.52
C ILE A 77 11.97 20.53 -7.87
N GLU A 78 12.44 20.62 -6.63
CA GLU A 78 12.44 21.90 -5.91
C GLU A 78 13.40 22.90 -6.55
N LYS A 79 14.62 22.45 -6.88
CA LYS A 79 15.62 23.34 -7.48
C LYS A 79 15.17 23.89 -8.82
N LEU A 80 14.34 23.15 -9.55
CA LEU A 80 13.79 23.61 -10.81
C LEU A 80 12.55 24.48 -10.65
N GLY A 81 11.94 24.52 -9.46
CA GLY A 81 10.76 25.34 -9.26
C GLY A 81 9.50 24.82 -9.93
N ILE A 82 9.39 23.52 -10.19
CA ILE A 82 8.18 22.98 -10.79
C ILE A 82 7.00 23.08 -9.84
N ASN A 83 5.84 23.48 -10.35
CA ASN A 83 4.63 23.48 -9.55
C ASN A 83 3.87 22.18 -9.80
N PHE A 84 4.27 21.14 -9.08
CA PHE A 84 3.69 19.82 -9.31
C PHE A 84 2.41 19.58 -8.55
N THR A 85 1.99 20.50 -7.66
CA THR A 85 0.62 20.40 -7.15
C THR A 85 -0.39 20.74 -8.24
N LYS A 86 0.02 21.46 -9.28
CA LYS A 86 -0.82 21.75 -10.43
C LYS A 86 -0.55 20.83 -11.61
N PHE A 87 0.70 20.41 -11.81
CA PHE A 87 1.10 19.64 -13.00
C PHE A 87 1.55 18.26 -12.52
N ASN A 88 0.65 17.29 -12.55
CA ASN A 88 0.94 15.96 -12.02
C ASN A 88 0.02 14.96 -12.73
N ILE A 89 0.21 13.67 -12.41
CA ILE A 89 -0.49 12.62 -13.15
C ILE A 89 -1.99 12.71 -12.94
N TYR A 90 -2.43 13.10 -11.74
CA TYR A 90 -3.85 13.13 -11.47
C TYR A 90 -4.54 14.18 -12.34
N GLU A 91 -3.93 15.36 -12.45
CA GLU A 91 -4.49 16.41 -13.28
C GLU A 91 -4.47 16.05 -14.76
N ILE A 92 -3.51 15.23 -15.20
CA ILE A 92 -3.61 14.65 -16.55
C ILE A 92 -4.88 13.81 -16.66
N LEU A 93 -5.08 12.90 -15.69
CA LEU A 93 -6.22 11.99 -15.74
C LEU A 93 -7.53 12.74 -15.63
N LYS A 94 -7.57 13.83 -14.87
CA LYS A 94 -8.77 14.65 -14.81
C LYS A 94 -8.90 15.61 -16.00
N GLU A 95 -7.96 15.54 -16.96
CA GLU A 95 -7.97 16.38 -18.15
C GLU A 95 -8.00 17.86 -17.80
N ASN A 96 -7.35 18.24 -16.69
CA ASN A 96 -7.25 19.64 -16.33
C ASN A 96 -5.97 20.30 -16.87
N VAL A 97 -4.92 19.52 -17.09
CA VAL A 97 -3.70 20.01 -17.73
C VAL A 97 -3.33 19.02 -18.82
N ASP A 98 -2.62 19.51 -19.82
CA ASP A 98 -2.07 18.66 -20.86
C ASP A 98 -0.77 18.01 -20.39
N ILE A 99 -0.55 16.78 -20.86
CA ILE A 99 0.57 15.95 -20.43
C ILE A 99 1.91 16.65 -20.75
N ASP A 100 1.97 17.40 -21.83
CA ASP A 100 3.21 18.09 -22.22
C ASP A 100 3.73 19.01 -21.11
N SER A 101 2.84 19.66 -20.36
CA SER A 101 3.28 20.63 -19.37
C SER A 101 3.61 20.02 -18.01
N THR A 102 3.59 18.69 -17.88
CA THR A 102 3.87 18.03 -16.62
C THR A 102 5.24 17.35 -16.58
N ILE A 103 5.97 17.34 -17.68
CA ILE A 103 7.15 16.50 -17.81
C ILE A 103 8.36 17.22 -17.22
N ILE A 104 9.14 16.50 -16.41
CA ILE A 104 10.24 17.07 -15.64
C ILE A 104 11.52 16.31 -15.97
N ASN A 105 12.54 17.04 -16.44
CA ASN A 105 13.85 16.48 -16.74
C ASN A 105 14.56 16.29 -15.41
N VAL A 106 14.41 15.10 -14.80
CA VAL A 106 14.95 14.93 -13.46
C VAL A 106 16.40 14.44 -13.45
N ASP A 107 16.85 13.81 -14.52
CA ASP A 107 18.20 13.24 -14.55
C ASP A 107 18.60 13.06 -16.00
N ASN A 108 19.85 12.66 -16.19
CA ASN A 108 20.37 12.36 -17.52
C ASN A 108 19.41 11.47 -18.31
N ASN A 109 18.90 12.00 -19.42
CA ASN A 109 18.02 11.29 -20.34
C ASN A 109 16.75 10.77 -19.68
N LEU A 110 16.38 11.28 -18.51
CA LEU A 110 15.27 10.77 -17.74
C LEU A 110 14.29 11.90 -17.47
N ASP A 111 13.03 11.71 -17.89
CA ASP A 111 11.93 12.59 -17.54
C ASP A 111 10.97 11.90 -16.57
N LEU A 112 10.21 12.73 -15.85
CA LEU A 112 9.26 12.25 -14.85
C LEU A 112 7.94 12.99 -14.97
N ILE A 113 6.84 12.25 -14.84
CA ILE A 113 5.54 12.85 -14.54
C ILE A 113 5.27 12.62 -13.06
N PRO A 114 5.20 13.66 -12.24
CA PRO A 114 5.16 13.47 -10.78
C PRO A 114 3.77 13.06 -10.33
N SER A 115 3.75 12.34 -9.21
CA SER A 115 2.53 12.01 -8.50
C SER A 115 2.26 13.03 -7.40
N TYR A 116 0.99 13.22 -7.05
CA TYR A 116 0.60 14.12 -5.99
C TYR A 116 -0.62 13.55 -5.26
N LEU A 117 -0.74 13.89 -3.98
CA LEU A 117 -1.66 13.19 -3.09
C LEU A 117 -3.11 13.25 -3.55
N THR A 118 -3.48 14.25 -4.35
CA THR A 118 -4.83 14.29 -4.90
C THR A 118 -5.13 13.07 -5.75
N LEU A 119 -4.09 12.36 -6.22
CA LEU A 119 -4.33 11.13 -6.96
C LEU A 119 -5.19 10.14 -6.17
N HIS A 120 -5.16 10.21 -4.82
CA HIS A 120 -5.98 9.35 -3.96
C HIS A 120 -7.46 9.40 -4.33
N ASN A 121 -7.91 10.53 -4.89
CA ASN A 121 -9.30 10.67 -5.31
C ASN A 121 -9.62 9.92 -6.60
N PHE A 122 -8.62 9.43 -7.33
CA PHE A 122 -8.90 8.88 -8.66
C PHE A 122 -9.89 7.72 -8.60
N SER A 123 -9.74 6.82 -7.61
CA SER A 123 -10.56 5.62 -7.58
C SER A 123 -12.05 5.93 -7.35
N GLU A 124 -12.37 7.00 -6.64
CA GLU A 124 -13.77 7.33 -6.43
C GLU A 124 -14.35 8.27 -7.48
N ASP A 125 -13.53 8.87 -8.33
CA ASP A 125 -14.07 9.77 -9.34
C ASP A 125 -14.94 9.02 -10.35
N LYS A 126 -16.09 9.62 -10.69
CA LYS A 126 -16.95 9.08 -11.73
C LYS A 126 -16.60 9.76 -13.05
N ILE A 127 -16.06 8.98 -14.00
CA ILE A 127 -15.56 9.51 -15.27
C ILE A 127 -15.91 8.52 -16.38
N GLU A 128 -16.29 9.04 -17.54
CA GLU A 128 -16.58 8.21 -18.69
C GLU A 128 -15.29 7.68 -19.31
N HIS A 129 -15.31 6.42 -19.73
CA HIS A 129 -14.15 5.74 -20.32
C HIS A 129 -12.93 5.88 -19.42
N LYS A 130 -13.16 5.71 -18.11
CA LYS A 130 -12.12 5.99 -17.12
C LYS A 130 -10.90 5.10 -17.29
N ASP A 131 -11.08 3.89 -17.82
CA ASP A 131 -9.97 2.94 -17.95
C ASP A 131 -8.95 3.37 -19.00
N PHE A 132 -9.33 4.25 -19.94
CA PHE A 132 -8.50 4.57 -21.09
C PHE A 132 -7.94 5.99 -21.05
N LEU A 133 -7.97 6.66 -19.88
CA LEU A 133 -7.51 8.04 -19.80
C LEU A 133 -6.01 8.15 -20.05
N LEU A 134 -5.22 7.30 -19.40
CA LEU A 134 -3.78 7.38 -19.60
C LEU A 134 -3.43 7.07 -21.06
N LYS A 135 -4.05 6.05 -21.65
CA LYS A 135 -3.76 5.69 -23.04
C LYS A 135 -4.11 6.84 -23.97
N THR A 136 -5.28 7.45 -23.77
CA THR A 136 -5.70 8.57 -24.61
C THR A 136 -4.73 9.75 -24.49
N SER A 137 -4.34 10.06 -23.26
CA SER A 137 -3.42 11.17 -23.03
C SER A 137 -2.07 10.90 -23.68
N LEU A 138 -1.56 9.68 -23.56
CA LEU A 138 -0.29 9.33 -24.18
C LEU A 138 -0.39 9.40 -25.70
N GLY A 139 -1.59 9.29 -26.25
CA GLY A 139 -1.74 9.51 -27.67
C GLY A 139 -1.62 10.97 -28.07
N THR A 140 -1.75 11.90 -27.12
CA THR A 140 -1.56 13.32 -27.39
C THR A 140 -0.18 13.82 -26.96
N LEU A 141 0.76 12.91 -26.68
CA LEU A 141 2.08 13.31 -26.21
C LEU A 141 3.00 13.56 -27.40
N TYR A 142 3.45 14.81 -27.53
CA TYR A 142 4.34 15.19 -28.63
C TYR A 142 5.73 14.57 -28.47
N TYR A 143 6.29 14.65 -27.27
CA TYR A 143 7.65 14.15 -27.06
C TYR A 143 7.67 12.63 -27.22
N LYS A 144 8.82 12.13 -27.70
CA LYS A 144 9.00 10.73 -28.10
C LYS A 144 10.08 10.08 -27.26
N TYR A 145 9.75 8.98 -26.59
CA TYR A 145 10.69 8.28 -25.74
C TYR A 145 10.97 6.88 -26.28
N ASP A 146 12.16 6.37 -26.00
CA ASP A 146 12.45 4.96 -26.29
C ASP A 146 11.70 4.05 -25.33
N TYR A 147 11.64 4.41 -24.05
CA TYR A 147 11.01 3.61 -23.03
C TYR A 147 10.18 4.52 -22.14
N ILE A 148 9.01 4.03 -21.76
CA ILE A 148 8.14 4.63 -20.75
C ILE A 148 7.92 3.59 -19.65
N VAL A 149 8.15 3.99 -18.41
CA VAL A 149 8.14 3.12 -17.24
C VAL A 149 7.15 3.70 -16.24
N ILE A 150 6.17 2.88 -15.85
CA ILE A 150 5.03 3.30 -15.06
C ILE A 150 5.09 2.58 -13.71
N ASP A 151 5.16 3.35 -12.62
CA ASP A 151 5.02 2.84 -11.27
C ASP A 151 3.54 2.85 -10.89
N THR A 152 3.09 1.81 -10.18
CA THR A 152 1.66 1.64 -9.88
C THR A 152 1.43 1.38 -8.40
N ASN A 153 0.18 1.53 -7.98
CA ASN A 153 -0.23 1.16 -6.62
C ASN A 153 -0.19 -0.36 -6.45
N PRO A 154 0.12 -0.84 -5.24
CA PRO A 154 -0.06 -2.30 -4.97
C PRO A 154 -1.52 -2.69 -4.76
N SER A 155 -2.29 -2.67 -5.85
CA SER A 155 -3.74 -2.82 -5.82
C SER A 155 -4.22 -3.20 -7.21
N LEU A 156 -5.29 -3.99 -7.28
CA LEU A 156 -5.92 -4.27 -8.56
C LEU A 156 -7.07 -3.29 -8.74
N ASP A 157 -6.74 -2.08 -9.15
CA ASP A 157 -7.72 -1.00 -9.19
C ASP A 157 -7.70 -0.31 -10.56
N VAL A 158 -8.52 0.74 -10.69
CA VAL A 158 -8.63 1.42 -11.99
C VAL A 158 -7.31 2.04 -12.41
N THR A 159 -6.47 2.46 -11.45
CA THR A 159 -5.15 2.97 -11.81
C THR A 159 -4.32 1.89 -12.50
N LEU A 160 -4.28 0.69 -11.94
CA LEU A 160 -3.55 -0.38 -12.62
C LEU A 160 -4.13 -0.64 -14.00
N LYS A 161 -5.46 -0.55 -14.13
CA LYS A 161 -6.08 -0.74 -15.44
C LYS A 161 -5.60 0.31 -16.42
N ASN A 162 -5.48 1.56 -15.98
CA ASN A 162 -4.98 2.61 -16.86
C ASN A 162 -3.56 2.30 -17.35
N ALA A 163 -2.70 1.83 -16.46
CA ALA A 163 -1.33 1.51 -16.87
C ALA A 163 -1.31 0.31 -17.82
N LEU A 164 -2.05 -0.76 -17.47
CA LEU A 164 -2.00 -1.99 -18.27
C LEU A 164 -2.52 -1.77 -19.69
N LEU A 165 -3.56 -0.94 -19.84
CA LEU A 165 -4.22 -0.80 -21.14
C LEU A 165 -3.39 -0.02 -22.15
N CYS A 166 -2.26 0.56 -21.76
CA CYS A 166 -1.36 1.18 -22.72
C CYS A 166 0.05 0.61 -22.65
N SER A 167 0.23 -0.51 -21.96
CA SER A 167 1.55 -1.10 -21.79
C SER A 167 1.86 -2.13 -22.85
N ASP A 168 3.15 -2.32 -23.08
CA ASP A 168 3.64 -3.44 -23.89
C ASP A 168 4.13 -4.60 -23.04
N TYR A 169 4.64 -4.33 -21.84
CA TYR A 169 5.24 -5.33 -20.97
C TYR A 169 4.94 -4.98 -19.52
N VAL A 170 5.03 -6.01 -18.67
CA VAL A 170 4.87 -5.89 -17.23
C VAL A 170 6.04 -6.57 -16.55
N ILE A 171 6.60 -5.92 -15.53
CA ILE A 171 7.60 -6.52 -14.67
C ILE A 171 7.03 -6.56 -13.26
N ILE A 172 7.02 -7.74 -12.65
CA ILE A 172 6.47 -7.94 -11.31
C ILE A 172 7.60 -8.31 -10.37
N PRO A 173 7.98 -7.42 -9.44
CA PRO A 173 8.92 -7.82 -8.38
C PRO A 173 8.21 -8.64 -7.31
N MET A 174 8.79 -9.80 -7.00
CA MET A 174 8.22 -10.73 -6.04
C MET A 174 9.22 -11.07 -4.95
N THR A 175 8.68 -11.39 -3.77
CA THR A 175 9.49 -11.93 -2.69
C THR A 175 9.06 -13.37 -2.44
N ALA A 176 9.98 -14.17 -1.92
CA ALA A 176 9.74 -15.60 -1.71
C ALA A 176 8.96 -15.85 -0.42
N GLU A 177 7.73 -15.34 -0.39
CA GLU A 177 6.81 -15.50 0.73
C GLU A 177 5.69 -16.48 0.41
N LYS A 178 4.93 -16.81 1.46
CA LYS A 178 3.71 -17.57 1.28
C LYS A 178 2.73 -16.73 0.45
N TRP A 179 1.92 -17.42 -0.34
CA TRP A 179 0.98 -16.83 -1.28
C TRP A 179 1.66 -16.10 -2.44
N ALA A 180 2.96 -16.35 -2.68
CA ALA A 180 3.62 -15.67 -3.79
C ALA A 180 3.13 -16.20 -5.14
N VAL A 181 3.02 -17.52 -5.26
CA VAL A 181 2.44 -18.13 -6.45
C VAL A 181 0.99 -17.70 -6.61
N GLU A 182 0.19 -17.82 -5.55
CA GLU A 182 -1.21 -17.41 -5.60
C GLU A 182 -1.38 -15.96 -6.02
N SER A 183 -0.50 -15.07 -5.53
CA SER A 183 -0.60 -13.66 -5.88
C SER A 183 -0.30 -13.43 -7.35
N LEU A 184 0.67 -14.15 -7.89
CA LEU A 184 0.95 -14.03 -9.32
C LEU A 184 -0.24 -14.49 -10.14
N ASP A 185 -0.89 -15.58 -9.72
CA ASP A 185 -2.08 -16.07 -10.42
C ASP A 185 -3.21 -15.07 -10.36
N LEU A 186 -3.36 -14.36 -9.24
CA LEU A 186 -4.44 -13.41 -9.12
C LEU A 186 -4.20 -12.24 -10.06
N PHE A 187 -2.95 -11.83 -10.19
CA PHE A 187 -2.60 -10.79 -11.15
C PHE A 187 -2.88 -11.27 -12.58
N ASN A 188 -2.43 -12.47 -12.91
CA ASN A 188 -2.70 -13.02 -14.24
C ASN A 188 -4.20 -13.01 -14.52
N PHE A 189 -5.00 -13.37 -13.52
CA PHE A 189 -6.44 -13.42 -13.72
C PHE A 189 -7.00 -12.02 -14.02
N PHE A 190 -6.43 -11.00 -13.39
CA PHE A 190 -6.88 -9.62 -13.57
C PHE A 190 -6.59 -9.11 -14.99
N VAL A 191 -5.38 -9.43 -15.50
CA VAL A 191 -4.98 -9.07 -16.86
C VAL A 191 -5.84 -9.80 -17.90
N ARG A 192 -6.16 -11.07 -17.65
CA ARG A 192 -7.04 -11.78 -18.56
C ARG A 192 -8.38 -11.08 -18.69
N LYS A 193 -8.93 -10.62 -17.56
CA LYS A 193 -10.23 -9.97 -17.58
C LYS A 193 -10.19 -8.70 -18.43
N LEU A 194 -9.02 -8.09 -18.57
CA LEU A 194 -8.83 -6.92 -19.41
C LEU A 194 -8.69 -7.30 -20.88
N ASN A 195 -8.80 -8.59 -21.21
CA ASN A 195 -8.61 -9.12 -22.56
C ASN A 195 -7.25 -8.75 -23.13
N LEU A 196 -6.22 -8.81 -22.30
CA LEU A 196 -4.89 -8.38 -22.67
C LEU A 196 -3.98 -9.59 -22.76
N PHE A 197 -3.03 -9.53 -23.70
CA PHE A 197 -2.03 -10.56 -23.92
C PHE A 197 -0.64 -9.93 -23.77
N LEU A 198 -0.35 -9.53 -22.58
CA LEU A 198 0.86 -8.86 -22.11
C LEU A 198 1.92 -9.85 -21.68
N PRO A 199 3.13 -9.77 -22.20
CA PRO A 199 4.24 -10.51 -21.59
C PRO A 199 4.44 -10.01 -20.16
N ILE A 200 4.49 -10.95 -19.22
CA ILE A 200 4.66 -10.64 -17.80
C ILE A 200 5.95 -11.28 -17.32
N PHE A 201 6.88 -10.46 -16.86
CA PHE A 201 8.21 -10.90 -16.45
C PHE A 201 8.33 -10.81 -14.93
N LEU A 202 9.21 -11.64 -14.37
CA LEU A 202 9.29 -11.83 -12.93
C LEU A 202 10.69 -11.54 -12.42
N ILE A 203 10.76 -10.79 -11.32
CA ILE A 203 12.00 -10.57 -10.57
C ILE A 203 11.77 -11.05 -9.16
N ILE A 204 12.73 -11.78 -8.60
CA ILE A 204 12.69 -12.08 -7.17
C ILE A 204 13.57 -11.06 -6.45
N THR A 205 12.95 -10.26 -5.59
CA THR A 205 13.65 -9.22 -4.84
C THR A 205 13.90 -9.70 -3.42
N ARG A 206 14.79 -8.99 -2.73
CA ARG A 206 15.17 -9.29 -1.35
C ARG A 206 15.60 -10.75 -1.20
N PHE A 207 16.48 -11.18 -2.10
CA PHE A 207 16.92 -12.57 -2.17
C PHE A 207 17.97 -12.89 -1.11
N LYS A 208 17.72 -13.92 -0.31
CA LYS A 208 18.66 -14.45 0.66
C LYS A 208 18.86 -15.94 0.40
N LYS A 209 20.03 -16.46 0.78
CA LYS A 209 20.37 -17.85 0.52
C LYS A 209 19.81 -18.73 1.64
N ASN A 210 18.59 -19.21 1.44
CA ASN A 210 17.94 -20.08 2.42
C ASN A 210 16.80 -20.85 1.73
N ARG A 211 16.17 -21.75 2.49
CA ARG A 211 15.18 -22.66 1.93
C ARG A 211 13.98 -21.91 1.34
N THR A 212 13.49 -20.87 2.03
CA THR A 212 12.29 -20.20 1.53
C THR A 212 12.52 -19.59 0.14
N HIS A 213 13.69 -18.96 -0.08
CA HIS A 213 14.02 -18.38 -1.38
C HIS A 213 14.36 -19.44 -2.44
N LYS A 214 14.80 -20.63 -2.00
CA LYS A 214 15.03 -21.73 -2.94
C LYS A 214 13.71 -22.27 -3.49
N THR A 215 12.68 -22.37 -2.66
CA THR A 215 11.39 -22.89 -3.12
C THR A 215 10.78 -22.00 -4.20
N LEU A 216 10.76 -20.69 -3.96
CA LEU A 216 10.22 -19.79 -4.98
C LEU A 216 11.12 -19.74 -6.20
N PHE A 217 12.44 -19.73 -5.99
CA PHE A 217 13.34 -19.74 -7.13
C PHE A 217 13.14 -20.99 -7.96
N GLU A 218 12.96 -22.14 -7.29
CA GLU A 218 12.75 -23.39 -8.03
C GLU A 218 11.46 -23.37 -8.83
N ILE A 219 10.42 -22.73 -8.29
CA ILE A 219 9.20 -22.58 -9.08
C ILE A 219 9.40 -21.55 -10.19
N LEU A 220 9.98 -20.40 -9.85
CA LEU A 220 10.05 -19.30 -10.81
C LEU A 220 11.08 -19.56 -11.89
N LYS A 221 12.23 -20.15 -11.53
CA LYS A 221 13.33 -20.27 -12.47
C LYS A 221 12.98 -21.06 -13.72
N THR A 222 11.90 -21.85 -13.67
CA THR A 222 11.54 -22.62 -14.86
C THR A 222 10.80 -21.77 -15.89
N LYS A 223 10.14 -20.70 -15.43
CA LYS A 223 9.28 -19.92 -16.31
C LYS A 223 10.12 -19.15 -17.30
N ASP A 224 9.58 -18.98 -18.51
CA ASP A 224 10.37 -18.36 -19.58
C ASP A 224 10.59 -16.88 -19.33
N ARG A 225 9.73 -16.24 -18.54
CA ARG A 225 9.83 -14.81 -18.28
C ARG A 225 10.42 -14.51 -16.91
N PHE A 226 11.04 -15.50 -16.26
CA PHE A 226 11.82 -15.20 -15.08
C PHE A 226 13.10 -14.48 -15.48
N LEU A 227 13.35 -13.32 -14.90
CA LEU A 227 14.50 -12.53 -15.32
C LEU A 227 15.72 -12.70 -14.43
N GLY A 228 15.54 -13.10 -13.18
CA GLY A 228 16.65 -13.20 -12.25
C GLY A 228 16.25 -12.66 -10.88
N THR A 229 17.26 -12.44 -10.04
CA THR A 229 17.08 -12.15 -8.62
C THR A 229 17.82 -10.89 -8.19
N ILE A 230 17.30 -10.23 -7.15
CA ILE A 230 17.96 -9.10 -6.51
C ILE A 230 18.23 -9.46 -5.06
N SER A 231 19.48 -9.32 -4.63
CA SER A 231 19.83 -9.66 -3.25
C SER A 231 19.42 -8.54 -2.31
N GLU A 232 19.11 -8.92 -1.07
CA GLU A 232 18.84 -7.93 -0.04
C GLU A 232 20.15 -7.23 0.33
N ARG A 233 20.22 -5.91 0.12
CA ARG A 233 21.45 -5.15 0.35
C ARG A 233 21.13 -3.91 1.17
N GLU A 234 21.86 -3.74 2.28
CA GLU A 234 21.61 -2.61 3.19
C GLU A 234 21.96 -1.28 2.52
N ASP A 235 23.05 -1.25 1.75
CA ASP A 235 23.49 -0.01 1.15
C ASP A 235 22.46 0.53 0.15
N LEU A 236 21.67 -0.35 -0.47
CA LEU A 236 20.53 0.05 -1.29
C LEU A 236 19.20 -0.13 -0.55
N ASN A 243 17.21 7.90 2.13
CA ASN A 243 17.24 6.96 1.03
C ASN A 243 17.01 7.67 -0.30
N ASN A 244 17.41 8.94 -0.37
CA ASN A 244 17.28 9.73 -1.59
C ASN A 244 18.64 10.20 -2.12
N ASN A 245 19.61 9.29 -2.14
CA ASN A 245 20.98 9.54 -2.58
C ASN A 245 21.20 8.91 -3.96
N PHE A 246 22.23 9.39 -4.66
CA PHE A 246 22.58 8.85 -5.96
C PHE A 246 23.22 7.47 -5.85
N ASP A 247 23.16 6.71 -6.95
CA ASP A 247 23.73 5.37 -7.03
C ASP A 247 25.17 5.40 -7.55
N LEU A 248 25.96 4.41 -7.13
CA LEU A 248 27.39 4.35 -7.43
C LEU A 248 27.76 3.08 -8.20
N ASN A 249 26.79 2.35 -8.75
CA ASN A 249 27.02 1.09 -9.44
C ASN A 249 27.79 0.11 -8.56
N LYS A 250 27.13 -0.26 -7.46
CA LYS A 250 27.63 -1.25 -6.52
C LYS A 250 27.13 -2.63 -6.92
N ASP A 251 27.12 -3.58 -5.97
CA ASP A 251 26.81 -4.97 -6.27
C ASP A 251 25.34 -5.17 -6.59
N TYR A 252 24.45 -4.39 -5.98
CA TYR A 252 23.04 -4.49 -6.28
C TYR A 252 22.69 -3.88 -7.63
N ILE A 253 23.44 -2.84 -8.07
CA ILE A 253 23.23 -2.28 -9.40
C ILE A 253 23.61 -3.28 -10.48
N LYS A 254 24.69 -4.04 -10.25
CA LYS A 254 25.07 -5.08 -11.20
C LYS A 254 23.96 -6.11 -11.33
N GLU A 255 23.31 -6.48 -10.22
CA GLU A 255 22.19 -7.42 -10.29
C GLU A 255 21.08 -6.89 -11.19
N TYR A 256 20.71 -5.61 -11.03
CA TYR A 256 19.71 -5.00 -11.90
C TYR A 256 20.20 -4.94 -13.34
N GLU A 257 21.50 -4.69 -13.55
CA GLU A 257 22.07 -4.68 -14.89
C GLU A 257 21.91 -6.04 -15.57
N ASN A 258 22.17 -7.12 -14.84
CA ASN A 258 21.99 -8.45 -15.44
C ASN A 258 20.51 -8.71 -15.72
N ILE A 259 19.63 -8.27 -14.82
CA ILE A 259 18.20 -8.42 -15.04
C ILE A 259 17.78 -7.68 -16.30
N LEU A 260 18.27 -6.45 -16.48
CA LEU A 260 17.86 -5.67 -17.64
C LEU A 260 18.37 -6.30 -18.94
N GLU A 261 19.60 -6.81 -18.93
CA GLU A 261 20.15 -7.44 -20.13
C GLU A 261 19.32 -8.64 -20.57
N ILE A 262 18.90 -9.48 -19.62
CA ILE A 262 18.05 -10.61 -19.93
C ILE A 262 16.69 -10.14 -20.46
N PHE A 263 16.12 -9.12 -19.83
CA PHE A 263 14.83 -8.61 -20.26
C PHE A 263 14.90 -8.14 -21.72
N LEU A 264 15.96 -7.40 -22.06
CA LEU A 264 16.10 -6.91 -23.42
C LEU A 264 16.27 -8.03 -24.43
N LYS A 265 16.88 -9.15 -24.02
CA LYS A 265 17.01 -10.27 -24.95
C LYS A 265 15.70 -11.01 -25.17
N LYS A 266 14.76 -10.90 -24.23
CA LYS A 266 13.52 -11.64 -24.36
C LYS A 266 12.43 -10.85 -25.07
N ILE A 267 12.60 -9.55 -25.26
CA ILE A 267 11.62 -8.78 -26.02
C ILE A 267 12.15 -8.51 -27.41
N LYS B 26 -22.84 -1.87 23.89
CA LYS B 26 -22.51 -2.36 22.55
C LYS B 26 -20.99 -2.41 22.42
N PRO B 27 -20.49 -3.09 21.40
CA PRO B 27 -19.06 -2.96 21.06
C PRO B 27 -18.77 -1.55 20.58
N LYS B 28 -17.60 -1.05 20.94
CA LYS B 28 -17.09 0.21 20.41
C LYS B 28 -16.15 -0.12 19.26
N ILE B 29 -16.42 0.46 18.09
CA ILE B 29 -15.81 0.02 16.85
C ILE B 29 -14.86 1.11 16.36
N ILE B 30 -13.58 0.78 16.27
CA ILE B 30 -12.50 1.72 15.97
C ILE B 30 -11.87 1.32 14.63
N THR B 31 -11.88 2.23 13.66
CA THR B 31 -11.09 2.06 12.45
C THR B 31 -9.73 2.74 12.61
N ILE B 32 -8.67 2.01 12.25
CA ILE B 32 -7.35 2.59 12.11
C ILE B 32 -7.14 2.87 10.63
N ALA B 33 -6.89 4.13 10.28
CA ALA B 33 -6.80 4.49 8.87
C ALA B 33 -5.66 5.50 8.65
N SER B 34 -5.21 5.58 7.40
CA SER B 34 -4.25 6.57 6.94
C SER B 34 -4.10 6.43 5.43
N ILE B 35 -3.75 7.52 4.74
CA ILE B 35 -3.60 7.44 3.30
C ILE B 35 -2.15 7.30 2.88
N LYS B 36 -1.23 7.32 3.83
CA LYS B 36 0.16 6.98 3.57
C LYS B 36 0.45 5.62 4.19
N GLY B 37 1.09 4.73 3.41
CA GLY B 37 1.56 3.48 3.93
C GLY B 37 2.86 3.60 4.70
N GLY B 38 3.15 2.61 5.54
CA GLY B 38 4.36 2.64 6.33
C GLY B 38 4.33 3.63 7.48
N VAL B 39 3.14 4.00 7.94
CA VAL B 39 3.00 4.97 9.02
C VAL B 39 2.69 4.32 10.36
N GLY B 40 2.87 3.00 10.46
CA GLY B 40 2.58 2.29 11.69
C GLY B 40 1.11 2.03 11.92
N LYS B 41 0.33 1.96 10.85
CA LYS B 41 -1.10 1.72 10.98
C LYS B 41 -1.39 0.32 11.54
N SER B 42 -0.82 -0.72 10.92
CA SER B 42 -1.08 -2.09 11.38
C SER B 42 -0.45 -2.34 12.76
N THR B 43 0.77 -1.86 12.96
CA THR B 43 1.44 -1.97 14.24
C THR B 43 0.59 -1.38 15.36
N SER B 44 -0.01 -0.21 15.12
CA SER B 44 -0.86 0.41 16.11
C SER B 44 -2.14 -0.40 16.33
N ALA B 45 -2.69 -0.98 15.26
CA ALA B 45 -3.87 -1.82 15.41
C ALA B 45 -3.55 -3.02 16.30
N ILE B 46 -2.43 -3.68 16.04
CA ILE B 46 -2.04 -4.85 16.82
C ILE B 46 -1.83 -4.48 18.29
N ILE B 47 -1.03 -3.44 18.53
CA ILE B 47 -0.65 -3.11 19.90
C ILE B 47 -1.82 -2.55 20.69
N LEU B 48 -2.65 -1.72 20.05
CA LEU B 48 -3.80 -1.20 20.77
C LEU B 48 -4.80 -2.31 21.09
N ALA B 49 -5.08 -3.18 20.12
CA ALA B 49 -6.00 -4.30 20.38
C ALA B 49 -5.45 -5.19 21.50
N THR B 50 -4.14 -5.44 21.50
CA THR B 50 -3.52 -6.28 22.51
C THR B 50 -3.64 -5.65 23.90
N LEU B 51 -3.33 -4.35 24.02
CA LEU B 51 -3.49 -3.67 25.29
C LEU B 51 -4.94 -3.72 25.77
N LEU B 52 -5.88 -3.47 24.87
CA LEU B 52 -7.28 -3.50 25.26
C LEU B 52 -7.67 -4.90 25.71
N SER B 53 -7.05 -5.93 25.12
CA SER B 53 -7.47 -7.30 25.43
C SER B 53 -7.07 -7.73 26.85
N LYS B 54 -6.25 -6.95 27.56
CA LYS B 54 -5.92 -7.29 28.93
C LYS B 54 -7.17 -7.34 29.81
N ASN B 55 -8.14 -6.44 29.57
CA ASN B 55 -9.34 -6.34 30.40
C ASN B 55 -10.62 -6.37 29.56
N ASN B 56 -10.54 -6.81 28.31
CA ASN B 56 -11.70 -6.76 27.44
C ASN B 56 -11.58 -7.89 26.44
N LYS B 57 -12.71 -8.29 25.88
CA LYS B 57 -12.73 -9.17 24.71
C LYS B 57 -12.70 -8.29 23.48
N VAL B 58 -11.72 -8.52 22.61
CA VAL B 58 -11.43 -7.65 21.48
C VAL B 58 -11.49 -8.45 20.19
N LEU B 59 -12.07 -7.86 19.15
CA LEU B 59 -12.05 -8.41 17.80
C LEU B 59 -11.18 -7.53 16.90
N LEU B 60 -10.17 -8.15 16.28
CA LEU B 60 -9.39 -7.52 15.22
C LEU B 60 -9.97 -7.96 13.89
N ILE B 61 -10.22 -7.01 12.99
CA ILE B 61 -10.64 -7.29 11.62
C ILE B 61 -9.58 -6.76 10.68
N ASP B 62 -8.94 -7.68 9.96
CA ASP B 62 -7.89 -7.32 9.02
C ASP B 62 -8.54 -7.11 7.65
N MET B 63 -8.85 -5.85 7.34
CA MET B 63 -9.39 -5.45 6.05
C MET B 63 -8.33 -4.84 5.14
N ASP B 64 -7.07 -5.15 5.35
CA ASP B 64 -6.00 -4.63 4.53
C ASP B 64 -5.52 -5.73 3.59
N THR B 65 -5.52 -5.44 2.28
CA THR B 65 -5.03 -6.41 1.32
C THR B 65 -3.59 -6.82 1.62
N GLN B 66 -2.80 -5.97 2.27
CA GLN B 66 -1.45 -6.36 2.65
C GLN B 66 -1.43 -7.51 3.66
N ALA B 67 -2.54 -7.71 4.39
CA ALA B 67 -2.68 -8.77 5.39
C ALA B 67 -1.56 -8.76 6.44
N SER B 68 -1.07 -7.57 6.80
CA SER B 68 0.01 -7.48 7.78
C SER B 68 -0.40 -8.12 9.11
N ILE B 69 -1.58 -7.77 9.61
CA ILE B 69 -2.05 -8.32 10.89
C ILE B 69 -2.18 -9.84 10.80
N THR B 70 -2.82 -10.34 9.74
CA THR B 70 -2.99 -11.78 9.53
C THR B 70 -1.66 -12.52 9.57
N SER B 71 -0.64 -12.00 8.86
CA SER B 71 0.61 -12.75 8.82
C SER B 71 1.48 -12.49 10.05
N TYR B 72 1.18 -11.46 10.85
CA TYR B 72 1.80 -11.36 12.16
C TYR B 72 1.32 -12.48 13.09
N PHE B 73 0.07 -12.92 12.94
CA PHE B 73 -0.48 -14.03 13.70
C PHE B 73 -0.45 -15.35 12.94
N TYR B 74 0.27 -15.43 11.82
CA TYR B 74 0.12 -16.60 10.95
C TYR B 74 0.58 -17.88 11.62
N GLU B 75 1.63 -17.81 12.44
CA GLU B 75 2.12 -19.00 13.13
C GLU B 75 1.05 -19.59 14.04
N LYS B 76 0.30 -18.74 14.74
CA LYS B 76 -0.81 -19.21 15.56
C LYS B 76 -1.92 -19.80 14.70
N ILE B 77 -2.26 -19.11 13.61
CA ILE B 77 -3.30 -19.60 12.71
C ILE B 77 -2.96 -20.98 12.18
N GLU B 78 -1.69 -21.17 11.78
CA GLU B 78 -1.28 -22.44 11.20
C GLU B 78 -1.35 -23.56 12.24
N LYS B 79 -0.95 -23.28 13.48
CA LYS B 79 -1.01 -24.32 14.51
C LYS B 79 -2.44 -24.78 14.75
N LEU B 80 -3.42 -23.89 14.56
CA LEU B 80 -4.82 -24.25 14.71
C LEU B 80 -5.40 -24.91 13.47
N GLY B 81 -4.71 -24.84 12.34
CA GLY B 81 -5.18 -25.48 11.13
C GLY B 81 -6.34 -24.78 10.44
N ILE B 82 -6.47 -23.47 10.64
CA ILE B 82 -7.55 -22.74 10.00
C ILE B 82 -7.36 -22.68 8.49
N ASN B 83 -8.43 -22.91 7.75
CA ASN B 83 -8.42 -22.71 6.31
C ASN B 83 -9.00 -21.32 6.03
N PHE B 84 -8.15 -20.32 6.11
CA PHE B 84 -8.60 -18.95 5.95
C PHE B 84 -8.67 -18.52 4.48
N THR B 85 -8.31 -19.39 3.54
CA THR B 85 -8.62 -19.08 2.14
C THR B 85 -10.10 -19.20 1.86
N LYS B 86 -10.84 -19.95 2.67
CA LYS B 86 -12.29 -20.03 2.54
C LYS B 86 -13.02 -19.12 3.51
N PHE B 87 -12.45 -18.91 4.69
CA PHE B 87 -13.08 -18.13 5.76
C PHE B 87 -12.19 -16.93 6.01
N ASN B 88 -12.54 -15.79 5.41
CA ASN B 88 -11.73 -14.57 5.49
C ASN B 88 -12.64 -13.38 5.24
N ILE B 89 -12.07 -12.18 5.38
CA ILE B 89 -12.89 -10.97 5.34
C ILE B 89 -13.55 -10.81 3.97
N TYR B 90 -12.86 -11.19 2.90
CA TYR B 90 -13.42 -11.03 1.57
C TYR B 90 -14.67 -11.92 1.39
N GLU B 91 -14.57 -13.19 1.80
CA GLU B 91 -15.71 -14.09 1.66
C GLU B 91 -16.90 -13.67 2.51
N ILE B 92 -16.66 -12.97 3.63
CA ILE B 92 -17.76 -12.35 4.33
C ILE B 92 -18.44 -11.32 3.44
N LEU B 93 -17.64 -10.41 2.86
CA LEU B 93 -18.19 -9.31 2.07
C LEU B 93 -18.95 -9.82 0.85
N LYS B 94 -18.49 -10.93 0.25
CA LYS B 94 -19.16 -11.59 -0.87
C LYS B 94 -20.33 -12.44 -0.42
N GLU B 95 -20.63 -12.45 0.88
CA GLU B 95 -21.75 -13.20 1.44
C GLU B 95 -21.67 -14.70 1.12
N ASN B 96 -20.44 -15.23 1.03
CA ASN B 96 -20.20 -16.64 0.79
C ASN B 96 -20.05 -17.46 2.06
N VAL B 97 -19.62 -16.84 3.15
CA VAL B 97 -19.54 -17.46 4.47
C VAL B 97 -20.18 -16.51 5.47
N ASP B 98 -20.61 -17.06 6.58
CA ASP B 98 -21.14 -16.29 7.70
CA ASP B 98 -21.12 -16.20 7.64
C ASP B 98 -19.99 -15.82 8.59
N ILE B 99 -20.11 -14.61 9.13
CA ILE B 99 -19.03 -13.99 9.89
C ILE B 99 -18.62 -14.83 11.12
N ASP B 100 -19.58 -15.52 11.76
CA ASP B 100 -19.29 -16.31 12.94
C ASP B 100 -18.20 -17.36 12.67
N SER B 101 -18.20 -17.95 11.48
CA SER B 101 -17.28 -19.06 11.21
C SER B 101 -15.91 -18.61 10.75
N THR B 102 -15.61 -17.31 10.74
CA THR B 102 -14.30 -16.84 10.30
C THR B 102 -13.41 -16.44 11.46
N ILE B 103 -13.93 -16.45 12.68
CA ILE B 103 -13.28 -15.79 13.81
C ILE B 103 -12.25 -16.71 14.42
N ILE B 104 -11.05 -16.17 14.70
CA ILE B 104 -9.91 -16.95 15.16
C ILE B 104 -9.41 -16.35 16.47
N ASN B 105 -9.34 -17.19 17.51
CA ASN B 105 -8.83 -16.82 18.83
C ASN B 105 -7.30 -16.83 18.74
N VAL B 106 -6.70 -15.66 18.48
CA VAL B 106 -5.25 -15.63 18.23
C VAL B 106 -4.42 -15.39 19.49
N ASP B 107 -5.00 -14.82 20.54
CA ASP B 107 -4.28 -14.49 21.76
C ASP B 107 -5.30 -14.33 22.88
N ASN B 108 -4.80 -14.15 24.09
CA ASN B 108 -5.66 -13.92 25.26
C ASN B 108 -6.71 -12.86 24.97
N ASN B 109 -7.98 -13.24 25.09
CA ASN B 109 -9.11 -12.33 24.93
C ASN B 109 -9.14 -11.65 23.56
N LEU B 110 -8.42 -12.19 22.59
CA LEU B 110 -8.27 -11.53 21.29
C LEU B 110 -8.74 -12.46 20.18
N ASP B 111 -9.71 -12.00 19.39
CA ASP B 111 -10.15 -12.66 18.18
C ASP B 111 -9.73 -11.88 16.92
N LEU B 112 -9.63 -12.60 15.80
CA LEU B 112 -9.24 -12.03 14.51
C LEU B 112 -10.12 -12.58 13.39
N ILE B 113 -10.54 -11.70 12.48
CA ILE B 113 -11.04 -12.11 11.17
C ILE B 113 -9.90 -11.90 10.18
N PRO B 114 -9.40 -12.93 9.53
CA PRO B 114 -8.17 -12.79 8.73
C PRO B 114 -8.41 -12.17 7.36
N SER B 115 -7.37 -11.54 6.86
CA SER B 115 -7.34 -11.06 5.49
C SER B 115 -6.75 -12.13 4.59
N TYR B 116 -7.15 -12.11 3.33
CA TYR B 116 -6.62 -13.04 2.34
C TYR B 116 -6.56 -12.34 1.00
N LEU B 117 -5.60 -12.77 0.16
CA LEU B 117 -5.24 -12.00 -1.02
C LEU B 117 -6.41 -11.80 -1.98
N THR B 118 -7.44 -12.67 -1.95
CA THR B 118 -8.62 -12.46 -2.79
C THR B 118 -9.34 -11.14 -2.49
N LEU B 119 -9.15 -10.55 -1.30
CA LEU B 119 -9.70 -9.23 -1.02
C LEU B 119 -9.32 -8.19 -2.08
N HIS B 120 -8.21 -8.40 -2.81
CA HIS B 120 -7.82 -7.47 -3.87
C HIS B 120 -8.94 -7.29 -4.91
N ASN B 121 -9.77 -8.31 -5.13
CA ASN B 121 -10.82 -8.17 -6.12
C ASN B 121 -11.98 -7.30 -5.63
N PHE B 122 -12.06 -7.01 -4.34
CA PHE B 122 -13.25 -6.32 -3.84
C PHE B 122 -13.47 -4.99 -4.54
N SER B 123 -12.40 -4.24 -4.82
CA SER B 123 -12.62 -2.90 -5.38
C SER B 123 -13.28 -2.97 -6.75
N GLU B 124 -13.04 -4.05 -7.51
CA GLU B 124 -13.61 -4.18 -8.84
C GLU B 124 -14.95 -4.92 -8.87
N ASP B 125 -15.36 -5.56 -7.78
CA ASP B 125 -16.64 -6.27 -7.73
C ASP B 125 -17.81 -5.29 -7.88
N LYS B 126 -18.78 -5.65 -8.72
CA LYS B 126 -20.03 -4.91 -8.85
C LYS B 126 -21.06 -5.55 -7.94
N ILE B 127 -21.48 -4.83 -6.90
CA ILE B 127 -22.39 -5.35 -5.87
C ILE B 127 -23.32 -4.21 -5.44
N GLU B 128 -24.58 -4.56 -5.18
CA GLU B 128 -25.54 -3.58 -4.68
C GLU B 128 -25.25 -3.25 -3.22
N HIS B 129 -25.42 -1.95 -2.87
CA HIS B 129 -25.20 -1.47 -1.52
C HIS B 129 -23.81 -1.86 -1.02
N LYS B 130 -22.82 -1.72 -1.90
CA LYS B 130 -21.48 -2.21 -1.61
C LYS B 130 -20.88 -1.53 -0.38
N ASP B 131 -21.28 -0.29 -0.11
CA ASP B 131 -20.68 0.44 1.01
C ASP B 131 -21.06 -0.13 2.36
N PHE B 132 -22.17 -0.85 2.46
CA PHE B 132 -22.74 -1.26 3.74
C PHE B 132 -22.58 -2.75 4.01
N LEU B 133 -21.73 -3.45 3.26
CA LEU B 133 -21.61 -4.91 3.43
C LEU B 133 -21.04 -5.26 4.80
N LEU B 134 -19.98 -4.60 5.22
CA LEU B 134 -19.44 -4.90 6.54
C LEU B 134 -20.45 -4.54 7.62
N LYS B 135 -21.11 -3.38 7.49
CA LYS B 135 -22.09 -2.99 8.50
C LYS B 135 -23.22 -3.99 8.60
N THR B 136 -23.75 -4.42 7.44
CA THR B 136 -24.79 -5.45 7.44
C THR B 136 -24.26 -6.73 8.04
N SER B 137 -23.04 -7.12 7.67
CA SER B 137 -22.45 -8.33 8.19
C SER B 137 -22.30 -8.28 9.71
N LEU B 138 -21.80 -7.16 10.25
CA LEU B 138 -21.66 -7.04 11.69
C LEU B 138 -22.99 -7.07 12.41
N GLY B 139 -24.10 -6.79 11.71
CA GLY B 139 -25.43 -6.93 12.29
C GLY B 139 -25.86 -8.36 12.47
N THR B 140 -25.21 -9.30 11.78
CA THR B 140 -25.46 -10.74 11.90
C THR B 140 -24.43 -11.44 12.78
N LEU B 141 -23.62 -10.70 13.53
CA LEU B 141 -22.57 -11.29 14.35
C LEU B 141 -23.15 -11.66 15.71
N TYR B 142 -23.09 -12.94 16.05
CA TYR B 142 -23.62 -13.43 17.33
C TYR B 142 -22.71 -13.03 18.50
N TYR B 143 -21.39 -13.15 18.34
CA TYR B 143 -20.45 -12.89 19.43
C TYR B 143 -20.42 -11.40 19.79
N LYS B 144 -20.16 -11.13 21.06
CA LYS B 144 -20.24 -9.78 21.61
C LYS B 144 -18.86 -9.38 22.12
N TYR B 145 -18.34 -8.26 21.59
CA TYR B 145 -17.02 -7.76 21.95
C TYR B 145 -17.14 -6.43 22.66
N ASP B 146 -16.18 -6.14 23.53
CA ASP B 146 -16.07 -4.80 24.09
C ASP B 146 -15.56 -3.82 23.04
N TYR B 147 -14.57 -4.23 22.25
CA TYR B 147 -13.96 -3.38 21.23
C TYR B 147 -13.78 -4.17 19.95
N ILE B 148 -14.01 -3.50 18.84
CA ILE B 148 -13.68 -4.00 17.51
C ILE B 148 -12.73 -3.01 16.86
N VAL B 149 -11.61 -3.51 16.35
CA VAL B 149 -10.54 -2.71 15.78
C VAL B 149 -10.33 -3.18 14.35
N ILE B 150 -10.44 -2.26 13.40
CA ILE B 150 -10.42 -2.61 11.98
C ILE B 150 -9.19 -1.98 11.35
N ASP B 151 -8.32 -2.81 10.80
CA ASP B 151 -7.19 -2.36 10.01
C ASP B 151 -7.62 -2.19 8.56
N THR B 152 -7.11 -1.13 7.90
CA THR B 152 -7.59 -0.74 6.56
C THR B 152 -6.43 -0.49 5.59
N ASN B 153 -6.77 -0.45 4.29
CA ASN B 153 -5.81 -0.06 3.27
C ASN B 153 -5.51 1.44 3.30
N PRO B 154 -4.29 1.81 2.97
CA PRO B 154 -3.98 3.25 2.77
C PRO B 154 -4.57 3.76 1.47
N SER B 155 -5.88 3.94 1.39
CA SER B 155 -6.57 4.25 0.16
C SER B 155 -7.93 4.84 0.48
N LEU B 156 -8.38 5.75 -0.36
CA LEU B 156 -9.74 6.27 -0.26
C LEU B 156 -10.62 5.47 -1.21
N ASP B 157 -10.98 4.25 -0.79
CA ASP B 157 -11.71 3.33 -1.66
C ASP B 157 -12.93 2.76 -0.94
N VAL B 158 -13.64 1.88 -1.67
CA VAL B 158 -14.86 1.25 -1.14
C VAL B 158 -14.56 0.42 0.10
N THR B 159 -13.36 -0.17 0.18
CA THR B 159 -13.00 -0.90 1.39
C THR B 159 -12.98 0.03 2.60
N LEU B 160 -12.34 1.20 2.45
CA LEU B 160 -12.29 2.13 3.57
C LEU B 160 -13.69 2.58 3.98
N LYS B 161 -14.56 2.83 2.99
CA LYS B 161 -15.94 3.20 3.27
C LYS B 161 -16.66 2.14 4.12
N ASN B 162 -16.46 0.85 3.81
CA ASN B 162 -17.11 -0.19 4.60
C ASN B 162 -16.71 -0.06 6.06
N ALA B 163 -15.43 0.20 6.33
CA ALA B 163 -14.97 0.34 7.71
C ALA B 163 -15.58 1.58 8.37
N LEU B 164 -15.52 2.71 7.69
CA LEU B 164 -15.99 3.95 8.29
C LEU B 164 -17.49 3.89 8.60
N LEU B 165 -18.28 3.29 7.70
CA LEU B 165 -19.74 3.32 7.84
C LEU B 165 -20.27 2.47 8.98
N CYS B 166 -19.44 1.67 9.63
CA CYS B 166 -19.89 0.96 10.82
C CYS B 166 -18.99 1.23 12.02
N SER B 167 -18.15 2.26 11.96
CA SER B 167 -17.24 2.61 13.05
C SER B 167 -17.85 3.67 13.96
N ASP B 168 -17.37 3.68 15.20
CA ASP B 168 -17.68 4.75 16.16
C ASP B 168 -16.58 5.80 16.23
N TYR B 169 -15.33 5.41 16.00
CA TYR B 169 -14.18 6.29 16.16
C TYR B 169 -13.17 5.94 15.10
N VAL B 170 -12.32 6.93 14.77
CA VAL B 170 -11.21 6.74 13.84
C VAL B 170 -9.93 7.20 14.53
N ILE B 171 -8.88 6.38 14.41
CA ILE B 171 -7.54 6.74 14.83
C ILE B 171 -6.64 6.77 13.62
N ILE B 172 -5.96 7.89 13.40
CA ILE B 172 -5.10 8.07 12.23
C ILE B 172 -3.65 8.20 12.72
N PRO B 173 -2.78 7.22 12.45
CA PRO B 173 -1.35 7.41 12.68
C PRO B 173 -0.74 8.25 11.56
N MET B 174 0.00 9.30 11.94
CA MET B 174 0.66 10.18 11.00
C MET B 174 2.14 10.24 11.32
N THR B 175 2.93 10.44 10.26
CA THR B 175 4.37 10.64 10.34
C THR B 175 4.75 12.02 9.83
N ALA B 176 5.96 12.45 10.20
CA ALA B 176 6.46 13.75 9.77
C ALA B 176 7.00 13.66 8.34
N GLU B 177 6.11 13.36 7.41
CA GLU B 177 6.46 13.34 6.01
C GLU B 177 6.00 14.66 5.39
N LYS B 178 6.48 14.93 4.19
CA LYS B 178 5.95 16.06 3.47
C LYS B 178 4.49 15.79 3.13
N TRP B 179 3.70 16.86 3.06
CA TRP B 179 2.28 16.79 2.71
C TRP B 179 1.43 16.06 3.75
N ALA B 180 1.94 15.84 4.96
CA ALA B 180 1.16 15.07 5.94
C ALA B 180 -0.09 15.84 6.37
N VAL B 181 0.04 17.15 6.58
CA VAL B 181 -1.13 17.98 6.87
C VAL B 181 -2.13 17.90 5.72
N GLU B 182 -1.66 18.15 4.49
CA GLU B 182 -2.53 18.08 3.31
C GLU B 182 -3.18 16.70 3.21
N SER B 183 -2.44 15.64 3.54
CA SER B 183 -3.01 14.29 3.49
C SER B 183 -4.12 14.13 4.52
N LEU B 184 -3.93 14.71 5.71
CA LEU B 184 -4.98 14.65 6.73
C LEU B 184 -6.22 15.45 6.29
N ASP B 185 -6.01 16.60 5.66
CA ASP B 185 -7.12 17.39 5.15
C ASP B 185 -7.88 16.62 4.08
N LEU B 186 -7.16 15.85 3.25
CA LEU B 186 -7.84 15.06 2.22
C LEU B 186 -8.64 13.93 2.85
N PHE B 187 -8.12 13.30 3.90
CA PHE B 187 -8.86 12.25 4.58
C PHE B 187 -10.14 12.81 5.20
N ASN B 188 -10.02 13.90 5.97
CA ASN B 188 -11.19 14.48 6.61
C ASN B 188 -12.27 14.82 5.59
N PHE B 189 -11.86 15.32 4.42
CA PHE B 189 -12.84 15.63 3.39
C PHE B 189 -13.57 14.38 2.94
N PHE B 190 -12.86 13.25 2.91
CA PHE B 190 -13.45 11.99 2.49
C PHE B 190 -14.48 11.51 3.50
N VAL B 191 -14.17 11.62 4.80
CA VAL B 191 -15.12 11.28 5.85
C VAL B 191 -16.33 12.21 5.82
N ARG B 192 -16.10 13.50 5.60
CA ARG B 192 -17.21 14.45 5.54
C ARG B 192 -18.18 14.10 4.42
N LYS B 193 -17.67 13.76 3.24
CA LYS B 193 -18.55 13.42 2.12
C LYS B 193 -19.43 12.21 2.42
N LEU B 194 -19.06 11.39 3.40
CA LEU B 194 -19.84 10.21 3.78
C LEU B 194 -21.06 10.52 4.64
N ASN B 195 -21.40 11.78 4.88
CA ASN B 195 -22.47 12.14 5.81
C ASN B 195 -22.21 11.55 7.19
N LEU B 196 -20.94 11.59 7.61
CA LEU B 196 -20.50 11.00 8.85
C LEU B 196 -19.98 12.06 9.80
N PHE B 197 -20.22 11.84 11.09
CA PHE B 197 -19.69 12.70 12.13
C PHE B 197 -18.95 11.80 13.13
N LEU B 198 -17.86 11.21 12.60
CA LEU B 198 -17.02 10.29 13.34
C LEU B 198 -15.97 11.10 14.07
N PRO B 199 -15.80 10.94 15.38
CA PRO B 199 -14.61 11.51 16.02
C PRO B 199 -13.37 10.93 15.39
N ILE B 200 -12.42 11.80 15.05
CA ILE B 200 -11.18 11.43 14.40
C ILE B 200 -10.02 11.79 15.32
N PHE B 201 -9.22 10.81 15.68
CA PHE B 201 -8.09 11.01 16.57
C PHE B 201 -6.77 10.88 15.83
N LEU B 202 -5.74 11.56 16.33
CA LEU B 202 -4.45 11.65 15.66
C LEU B 202 -3.34 11.14 16.56
N ILE B 203 -2.50 10.29 15.99
CA ILE B 203 -1.25 9.83 16.60
C ILE B 203 -0.12 10.21 15.66
N ILE B 204 0.96 10.75 16.20
CA ILE B 204 2.20 10.93 15.43
C ILE B 204 3.07 9.72 15.72
N THR B 205 3.40 8.95 14.69
CA THR B 205 4.22 7.75 14.86
C THR B 205 5.62 7.97 14.32
N ARG B 206 6.51 7.02 14.65
CA ARG B 206 7.89 7.02 14.20
C ARG B 206 8.57 8.36 14.44
N PHE B 207 8.40 8.88 15.67
CA PHE B 207 8.87 10.21 15.99
C PHE B 207 10.37 10.17 16.26
N LYS B 208 11.11 11.08 15.61
CA LYS B 208 12.53 11.25 15.81
C LYS B 208 12.79 12.70 16.21
N LYS B 209 13.90 12.93 16.90
CA LYS B 209 14.21 14.27 17.41
C LYS B 209 14.90 15.06 16.29
N ASN B 210 14.09 15.77 15.51
CA ASN B 210 14.61 16.62 14.45
C ASN B 210 13.59 17.71 14.14
N ARG B 211 14.02 18.65 13.29
CA ARG B 211 13.19 19.82 12.98
C ARG B 211 11.89 19.41 12.30
N THR B 212 11.96 18.49 11.33
CA THR B 212 10.75 18.14 10.60
C THR B 212 9.67 17.60 11.54
N HIS B 213 10.06 16.78 12.52
CA HIS B 213 9.07 16.25 13.45
C HIS B 213 8.58 17.31 14.44
N LYS B 214 9.40 18.33 14.75
CA LYS B 214 8.93 19.40 15.61
C LYS B 214 7.86 20.24 14.92
N THR B 215 8.03 20.50 13.62
CA THR B 215 7.06 21.30 12.88
C THR B 215 5.68 20.64 12.85
N LEU B 216 5.63 19.32 12.59
CA LEU B 216 4.33 18.64 12.60
C LEU B 216 3.78 18.55 14.02
N PHE B 217 4.66 18.31 15.00
CA PHE B 217 4.20 18.25 16.38
C PHE B 217 3.58 19.59 16.78
N GLU B 218 4.19 20.70 16.39
CA GLU B 218 3.62 21.99 16.74
C GLU B 218 2.27 22.21 16.06
N ILE B 219 2.11 21.69 14.83
CA ILE B 219 0.83 21.81 14.14
C ILE B 219 -0.22 20.94 14.81
N LEU B 220 0.11 19.65 15.06
CA LEU B 220 -0.88 18.67 15.51
C LEU B 220 -1.24 18.82 16.98
N LYS B 221 -0.27 19.13 17.84
CA LYS B 221 -0.51 19.10 19.29
C LYS B 221 -1.62 20.05 19.73
N THR B 222 -1.95 21.07 18.92
CA THR B 222 -3.04 21.97 19.28
C THR B 222 -4.42 21.41 18.93
N LYS B 223 -4.50 20.43 18.02
CA LYS B 223 -5.79 19.89 17.59
C LYS B 223 -6.47 19.09 18.70
N ASP B 224 -7.81 19.11 18.70
CA ASP B 224 -8.58 18.70 19.87
C ASP B 224 -8.51 17.20 20.16
N ARG B 225 -8.35 16.35 19.13
CA ARG B 225 -8.28 14.91 19.34
C ARG B 225 -6.88 14.34 19.10
N PHE B 226 -5.86 15.17 19.23
CA PHE B 226 -4.49 14.68 19.25
C PHE B 226 -4.23 13.81 20.47
N LEU B 227 -3.68 12.61 20.25
CA LEU B 227 -3.48 11.64 21.32
C LEU B 227 -2.05 11.56 21.87
N GLY B 228 -1.03 11.94 21.07
CA GLY B 228 0.35 11.86 21.50
C GLY B 228 1.19 11.25 20.41
N THR B 229 2.43 10.90 20.76
CA THR B 229 3.40 10.47 19.75
C THR B 229 4.03 9.14 20.13
N ILE B 230 4.42 8.39 19.11
CA ILE B 230 5.14 7.13 19.25
C ILE B 230 6.54 7.31 18.64
N SER B 231 7.58 6.98 19.41
CA SER B 231 8.95 7.12 18.94
C SER B 231 9.35 5.96 18.05
N GLU B 232 10.24 6.24 17.09
CA GLU B 232 10.83 5.20 16.26
C GLU B 232 11.80 4.37 17.08
N ARG B 233 11.56 3.06 17.17
CA ARG B 233 12.38 2.17 18.00
C ARG B 233 12.77 0.91 17.24
N GLU B 234 14.05 0.56 17.31
CA GLU B 234 14.57 -0.60 16.58
C GLU B 234 13.93 -1.89 17.06
N ASP B 235 13.77 -2.04 18.38
CA ASP B 235 13.19 -3.26 18.93
C ASP B 235 11.73 -3.47 18.56
N LEU B 236 11.01 -2.40 18.22
CA LEU B 236 9.62 -2.57 17.80
C LEU B 236 9.55 -2.99 16.34
N ASN B 237 10.48 -2.50 15.51
CA ASN B 237 10.60 -3.05 14.17
C ASN B 237 10.82 -4.56 14.23
N ARG B 238 11.79 -4.99 15.05
CA ARG B 238 12.19 -6.41 15.06
C ARG B 238 11.07 -7.34 15.52
N ARG B 239 10.27 -6.92 16.50
CA ARG B 239 9.27 -7.85 17.05
C ARG B 239 8.16 -8.17 16.07
N ILE B 240 7.76 -7.22 15.23
CA ILE B 240 6.69 -7.47 14.27
C ILE B 240 7.20 -7.64 12.84
N ALA B 241 8.44 -7.21 12.53
CA ALA B 241 8.96 -7.27 11.17
C ALA B 241 8.88 -8.70 10.61
N GLU B 242 9.46 -9.65 11.32
CA GLU B 242 9.46 -11.03 10.85
C GLU B 242 9.50 -11.99 12.02
N ASN B 243 10.02 -11.51 13.15
CA ASN B 243 10.12 -12.38 14.32
C ASN B 243 8.76 -12.88 14.77
N ASN B 244 7.68 -12.19 14.40
CA ASN B 244 6.33 -12.51 14.86
C ASN B 244 6.36 -12.72 16.37
N ASN B 245 6.96 -11.76 17.06
CA ASN B 245 7.33 -11.90 18.46
C ASN B 245 6.25 -11.33 19.36
N PHE B 246 6.18 -11.86 20.58
CA PHE B 246 5.30 -11.29 21.58
C PHE B 246 5.94 -9.99 22.07
N ASP B 247 5.12 -9.11 22.63
CA ASP B 247 5.62 -7.84 23.12
C ASP B 247 6.02 -7.95 24.59
N LEU B 248 6.98 -7.11 25.01
CA LEU B 248 7.57 -7.22 26.35
C LEU B 248 7.32 -6.00 27.23
N ASN B 249 6.50 -5.05 26.78
CA ASN B 249 6.24 -3.81 27.51
C ASN B 249 7.53 -3.05 27.81
N LYS B 250 8.20 -2.64 26.72
CA LYS B 250 9.37 -1.76 26.79
C LYS B 250 8.88 -0.31 26.65
N ASP B 251 9.76 0.63 26.28
CA ASP B 251 9.37 2.03 26.37
C ASP B 251 8.33 2.43 25.32
N TYR B 252 8.35 1.79 24.15
CA TYR B 252 7.34 2.09 23.15
C TYR B 252 5.96 1.54 23.54
N ILE B 253 5.91 0.46 24.32
CA ILE B 253 4.62 0.00 24.78
C ILE B 253 4.01 1.01 25.76
N LYS B 254 4.86 1.63 26.60
CA LYS B 254 4.39 2.67 27.50
C LYS B 254 3.80 3.84 26.72
N GLU B 255 4.45 4.22 25.60
CA GLU B 255 3.94 5.29 24.75
C GLU B 255 2.55 4.95 24.25
N TYR B 256 2.36 3.72 23.75
CA TYR B 256 1.02 3.29 23.31
C TYR B 256 0.04 3.23 24.48
N GLU B 257 0.50 2.84 25.68
CA GLU B 257 -0.39 2.83 26.84
C GLU B 257 -0.88 4.24 27.17
N ASN B 258 0.02 5.23 27.10
CA ASN B 258 -0.42 6.61 27.31
C ASN B 258 -1.41 7.05 26.25
N ILE B 259 -1.16 6.67 25.00
CA ILE B 259 -2.09 7.04 23.93
C ILE B 259 -3.46 6.43 24.18
N LEU B 260 -3.50 5.15 24.59
CA LEU B 260 -4.78 4.49 24.82
C LEU B 260 -5.52 5.12 26.00
N GLU B 261 -4.81 5.49 27.06
CA GLU B 261 -5.52 6.06 28.20
CA GLU B 261 -5.46 6.08 28.21
C GLU B 261 -6.04 7.45 27.88
N ILE B 262 -5.30 8.25 27.10
CA ILE B 262 -5.82 9.55 26.70
C ILE B 262 -7.04 9.34 25.80
N PHE B 263 -6.97 8.35 24.90
CA PHE B 263 -8.10 8.04 24.04
C PHE B 263 -9.33 7.64 24.85
N LEU B 264 -9.14 6.74 25.82
CA LEU B 264 -10.27 6.25 26.61
C LEU B 264 -10.92 7.34 27.43
N LYS B 265 -10.13 8.32 27.89
CA LYS B 265 -10.70 9.44 28.64
C LYS B 265 -11.41 10.43 27.73
N LYS B 266 -11.13 10.42 26.43
CA LYS B 266 -11.76 11.34 25.50
C LYS B 266 -13.03 10.80 24.83
N ILE B 267 -13.32 9.51 24.97
CA ILE B 267 -14.56 8.97 24.44
C ILE B 267 -15.55 8.79 25.58
#